data_8EMJ
#
_entry.id   8EMJ
#
_cell.length_a   50.919
_cell.length_b   81.737
_cell.length_c   109.417
_cell.angle_alpha   90.000
_cell.angle_beta   90.000
_cell.angle_gamma   90.000
#
_symmetry.space_group_name_H-M   'P 21 21 21'
#
loop_
_entity.id
_entity.type
_entity.pdbx_description
1 polymer 'MHC class I antigen'
2 polymer Beta-2-microglobulin
3 polymer 'Nucleoprotein NP9 epitope'
4 water water
#
loop_
_entity_poly.entity_id
_entity_poly.type
_entity_poly.pdbx_seq_one_letter_code
_entity_poly.pdbx_strand_id
1 'polypeptide(L)'
;GSHSMRYFYTAMSRPGRGEPRFIAVGYVDDTQFVRFDSDAASPRTEPRAPWIEQEGPEYWDRNTQIFKTNTQTYRESLRN
LRGYYNQSEAGSHIIQRMYGCDLGPDGRLLRGHDQSAYDGKDYIALNEDLSSWTAADTAAQITQRKWEAARVAEQLRAYL
EGLCVEWLRRYLENGKETLQRADPPKTHVTHHPVSDHEATLRCWALGFYPAEITLTWQRDGEDQTQDTELVETRPAGDRT
FQKWAAVVVPSGEEQRYTCHVQHEGLPKPLTLRWEP
;
A
2 'polypeptide(L)'
;MIQRTPKIQVYSRHPAENGKSNFLNCYVSGFHPSDIEVDLLKNGERIEKVEHSDLSFSKDWSFYLLYYTEFTPTEKDEYA
CRVNHVTLSQPKIVKWDRDM
;
B
3 'polypeptide(L)' LPFDIATIM C
#
# COMPACT_ATOMS: atom_id res chain seq x y z
N GLY A 1 -15.84 -11.48 -5.15
CA GLY A 1 -16.25 -12.51 -4.20
C GLY A 1 -15.53 -12.44 -2.88
N SER A 2 -14.19 -12.64 -2.89
CA SER A 2 -13.33 -12.64 -1.68
C SER A 2 -13.03 -11.24 -1.21
N HIS A 3 -13.08 -11.06 0.12
CA HIS A 3 -12.86 -9.74 0.71
C HIS A 3 -12.06 -9.84 2.01
N SER A 4 -11.40 -8.74 2.36
CA SER A 4 -10.60 -8.71 3.55
C SER A 4 -10.65 -7.34 4.20
N MET A 5 -10.41 -7.28 5.50
CA MET A 5 -10.29 -6.03 6.24
C MET A 5 -8.93 -6.09 6.91
N ARG A 6 -8.20 -4.98 6.88
CA ARG A 6 -6.90 -4.89 7.56
C ARG A 6 -6.75 -3.55 8.23
N TYR A 7 -6.11 -3.54 9.41
CA TYR A 7 -5.65 -2.32 10.04
C TYR A 7 -4.14 -2.38 9.98
N PHE A 8 -3.51 -1.25 9.68
CA PHE A 8 -2.06 -1.10 9.59
C PHE A 8 -1.64 -0.04 10.57
N TYR A 9 -0.80 -0.41 11.53
CA TYR A 9 -0.30 0.53 12.54
C TYR A 9 1.19 0.75 12.32
N THR A 10 1.62 2.00 12.45
CA THR A 10 3.02 2.36 12.38
C THR A 10 3.30 3.23 13.60
N ALA A 11 4.26 2.81 14.46
CA ALA A 11 4.70 3.58 15.66
C ALA A 11 6.17 3.87 15.45
N MET A 12 6.53 5.14 15.44
CA MET A 12 7.89 5.50 15.10
C MET A 12 8.51 6.42 16.14
N SER A 13 9.65 6.00 16.74
CA SER A 13 10.32 6.90 17.70
C SER A 13 11.16 7.93 16.94
N ARG A 14 11.47 9.07 17.56
CA ARG A 14 12.25 10.12 16.88
C ARG A 14 12.96 10.91 18.00
N PRO A 15 13.99 10.28 18.63
CA PRO A 15 14.68 10.93 19.75
C PRO A 15 15.14 12.35 19.43
N GLY A 16 14.80 13.26 20.33
CA GLY A 16 15.15 14.67 20.17
C GLY A 16 14.15 15.45 19.35
N ARG A 17 13.11 14.75 18.85
CA ARG A 17 12.08 15.35 17.99
C ARG A 17 10.68 15.03 18.52
N GLY A 18 10.56 14.94 19.84
CA GLY A 18 9.27 14.70 20.49
C GLY A 18 8.96 13.23 20.74
N GLU A 19 7.72 12.96 21.11
CA GLU A 19 7.29 11.62 21.42
C GLU A 19 7.02 10.81 20.14
N PRO A 20 7.05 9.46 20.24
CA PRO A 20 6.77 8.64 19.05
C PRO A 20 5.41 8.91 18.42
N ARG A 21 5.41 8.92 17.11
CA ARG A 21 4.19 9.11 16.31
C ARG A 21 3.51 7.74 16.16
N PHE A 22 2.19 7.71 16.31
CA PHE A 22 1.40 6.51 16.06
C PHE A 22 0.41 6.86 14.93
N ILE A 23 0.39 6.07 13.85
N ILE A 23 0.36 6.04 13.90
CA ILE A 23 -0.58 6.26 12.76
CA ILE A 23 -0.63 6.21 12.85
C ILE A 23 -1.27 4.93 12.48
C ILE A 23 -1.31 4.88 12.62
N ALA A 24 -2.61 4.92 12.44
CA ALA A 24 -3.39 3.72 12.14
C ALA A 24 -4.23 4.04 10.90
N VAL A 25 -4.27 3.08 9.93
CA VAL A 25 -5.13 3.20 8.75
C VAL A 25 -5.91 1.90 8.65
N GLY A 26 -7.15 1.99 8.19
CA GLY A 26 -8.01 0.84 8.00
C GLY A 26 -8.35 0.69 6.55
N TYR A 27 -8.35 -0.56 6.07
CA TYR A 27 -8.69 -0.90 4.69
C TYR A 27 -9.70 -2.00 4.59
N VAL A 28 -10.57 -1.90 3.56
CA VAL A 28 -11.39 -3.02 3.07
C VAL A 28 -10.82 -3.27 1.67
N ASP A 29 -10.21 -4.45 1.45
CA ASP A 29 -9.50 -4.78 0.20
C ASP A 29 -8.50 -3.64 -0.09
N ASP A 30 -8.54 -2.99 -1.30
CA ASP A 30 -7.64 -1.89 -1.64
C ASP A 30 -8.23 -0.50 -1.42
N THR A 31 -9.25 -0.40 -0.54
CA THR A 31 -9.90 0.89 -0.25
C THR A 31 -9.65 1.27 1.20
N GLN A 32 -8.98 2.40 1.41
CA GLN A 32 -8.78 2.89 2.77
C GLN A 32 -10.08 3.57 3.24
N PHE A 33 -10.48 3.35 4.48
CA PHE A 33 -11.70 3.95 4.95
C PHE A 33 -11.57 4.77 6.23
N VAL A 34 -10.48 4.63 7.00
CA VAL A 34 -10.27 5.40 8.26
C VAL A 34 -8.79 5.73 8.41
N ARG A 35 -8.49 6.81 9.13
CA ARG A 35 -7.13 7.16 9.55
C ARG A 35 -7.15 7.74 10.97
N PHE A 36 -6.05 7.59 11.69
CA PHE A 36 -5.82 8.20 13.01
C PHE A 36 -4.35 8.55 13.00
N ASP A 37 -3.99 9.81 13.37
CA ASP A 37 -2.59 10.21 13.40
C ASP A 37 -2.38 10.96 14.71
N SER A 38 -1.50 10.43 15.59
CA SER A 38 -1.21 11.08 16.87
C SER A 38 -0.55 12.47 16.66
N ASP A 39 -0.01 12.76 15.45
CA ASP A 39 0.61 14.08 15.14
C ASP A 39 -0.38 15.15 14.64
N ALA A 40 -1.62 14.75 14.36
CA ALA A 40 -2.65 15.67 13.85
C ALA A 40 -2.91 16.79 14.88
N ALA A 41 -3.34 17.97 14.38
CA ALA A 41 -3.65 19.14 15.20
C ALA A 41 -4.53 18.73 16.39
N SER A 42 -5.61 17.97 16.12
CA SER A 42 -6.54 17.43 17.12
C SER A 42 -6.67 15.92 16.75
N PRO A 43 -5.88 15.01 17.37
CA PRO A 43 -5.95 13.59 16.97
C PRO A 43 -7.31 12.90 17.19
N ARG A 44 -7.95 12.56 16.08
CA ARG A 44 -9.21 11.83 16.11
C ARG A 44 -9.28 10.89 14.91
N THR A 45 -10.12 9.85 15.01
CA THR A 45 -10.33 8.95 13.89
C THR A 45 -11.12 9.69 12.84
N GLU A 46 -10.64 9.67 11.59
CA GLU A 46 -11.28 10.40 10.51
C GLU A 46 -11.74 9.48 9.37
N PRO A 47 -12.92 9.77 8.76
CA PRO A 47 -13.39 8.95 7.63
C PRO A 47 -12.54 9.19 6.37
N ARG A 48 -12.28 8.13 5.61
CA ARG A 48 -11.49 8.25 4.40
C ARG A 48 -12.16 7.63 3.16
N ALA A 49 -13.41 7.18 3.32
CA ALA A 49 -14.26 6.62 2.26
C ALA A 49 -15.71 7.08 2.56
N PRO A 50 -16.48 7.50 1.53
CA PRO A 50 -17.83 8.02 1.79
C PRO A 50 -18.79 7.08 2.51
N TRP A 51 -18.70 5.75 2.26
CA TRP A 51 -19.58 4.77 2.88
C TRP A 51 -19.39 4.61 4.39
N ILE A 52 -18.28 5.11 4.97
CA ILE A 52 -18.08 5.03 6.43
C ILE A 52 -18.69 6.25 7.16
N GLU A 53 -18.93 7.35 6.43
CA GLU A 53 -19.45 8.60 7.03
C GLU A 53 -20.78 8.44 7.78
N GLN A 54 -21.63 7.49 7.36
CA GLN A 54 -22.92 7.20 8.00
C GLN A 54 -22.77 6.65 9.42
N GLU A 55 -21.55 6.20 9.82
CA GLU A 55 -21.35 5.71 11.17
C GLU A 55 -21.57 6.86 12.18
N GLY A 56 -22.26 6.55 13.27
CA GLY A 56 -22.62 7.53 14.30
C GLY A 56 -21.49 7.98 15.20
N PRO A 57 -21.75 9.03 16.04
CA PRO A 57 -20.71 9.55 16.94
C PRO A 57 -20.06 8.53 17.86
N GLU A 58 -20.84 7.51 18.28
CA GLU A 58 -20.36 6.44 19.16
C GLU A 58 -19.28 5.60 18.48
N TYR A 59 -19.43 5.36 17.15
CA TYR A 59 -18.43 4.62 16.35
C TYR A 59 -17.11 5.41 16.37
N TRP A 60 -17.15 6.73 15.99
CA TRP A 60 -15.97 7.61 15.94
C TRP A 60 -15.27 7.74 17.29
N ASP A 61 -16.05 7.90 18.39
CA ASP A 61 -15.49 8.01 19.74
C ASP A 61 -14.86 6.69 20.19
N ARG A 62 -15.51 5.53 19.86
CA ARG A 62 -14.95 4.23 20.17
C ARG A 62 -13.56 4.01 19.49
N ASN A 63 -13.45 4.36 18.20
CA ASN A 63 -12.23 4.23 17.40
C ASN A 63 -11.15 5.13 17.97
N THR A 64 -11.50 6.38 18.27
CA THR A 64 -10.57 7.37 18.81
C THR A 64 -10.01 6.92 20.15
N GLN A 65 -10.87 6.36 21.04
CA GLN A 65 -10.40 5.87 22.33
C GLN A 65 -9.42 4.72 22.16
N ILE A 66 -9.75 3.79 21.26
CA ILE A 66 -8.88 2.66 20.96
C ILE A 66 -7.53 3.14 20.44
N PHE A 67 -7.52 4.07 19.46
CA PHE A 67 -6.26 4.53 18.88
C PHE A 67 -5.46 5.42 19.84
N LYS A 68 -6.14 6.18 20.75
CA LYS A 68 -5.42 6.97 21.76
C LYS A 68 -4.74 6.03 22.76
N THR A 69 -5.45 4.93 23.15
CA THR A 69 -4.86 3.93 24.02
C THR A 69 -3.66 3.27 23.31
N ASN A 70 -3.80 2.94 22.01
CA ASN A 70 -2.66 2.35 21.27
C ASN A 70 -1.47 3.30 21.15
N THR A 71 -1.72 4.61 21.01
CA THR A 71 -0.65 5.61 20.94
C THR A 71 0.19 5.49 22.21
N GLN A 72 -0.45 5.33 23.36
CA GLN A 72 0.29 5.24 24.62
C GLN A 72 0.98 3.88 24.81
N THR A 73 0.31 2.77 24.44
CA THR A 73 0.93 1.44 24.58
C THR A 73 2.13 1.29 23.66
N TYR A 74 2.04 1.81 22.41
CA TYR A 74 3.15 1.71 21.48
C TYR A 74 4.35 2.55 21.93
N ARG A 75 4.11 3.66 22.64
CA ARG A 75 5.22 4.46 23.19
C ARG A 75 5.99 3.61 24.22
N GLU A 76 5.27 2.85 25.06
CA GLU A 76 5.94 1.95 26.02
C GLU A 76 6.59 0.79 25.28
N SER A 77 5.91 0.22 24.27
CA SER A 77 6.50 -0.88 23.52
C SER A 77 7.80 -0.47 22.84
N LEU A 78 7.89 0.75 22.27
CA LEU A 78 9.10 1.20 21.61
C LEU A 78 10.23 1.26 22.64
N ARG A 79 9.94 1.80 23.84
CA ARG A 79 10.95 1.85 24.93
C ARG A 79 11.41 0.43 25.30
N ASN A 80 10.46 -0.52 25.38
CA ASN A 80 10.74 -1.90 25.75
C ASN A 80 11.63 -2.59 24.73
N LEU A 81 11.28 -2.49 23.43
CA LEU A 81 12.03 -3.13 22.37
C LEU A 81 13.41 -2.54 22.22
N ARG A 82 13.55 -1.22 22.45
CA ARG A 82 14.87 -0.60 22.43
C ARG A 82 15.74 -1.35 23.47
N GLY A 83 15.16 -1.59 24.66
CA GLY A 83 15.85 -2.30 25.75
C GLY A 83 16.12 -3.74 25.42
N TYR A 84 15.14 -4.44 24.80
CA TYR A 84 15.37 -5.85 24.47
C TYR A 84 16.52 -6.07 23.49
N TYR A 85 16.84 -5.06 22.66
CA TYR A 85 17.90 -5.14 21.66
C TYR A 85 19.16 -4.38 22.05
N ASN A 86 19.22 -3.91 23.31
CA ASN A 86 20.36 -3.15 23.88
C ASN A 86 20.70 -1.95 22.98
N GLN A 87 19.66 -1.29 22.48
CA GLN A 87 19.86 -0.20 21.57
C GLN A 87 20.09 1.11 22.30
N SER A 88 20.84 2.00 21.66
CA SER A 88 21.09 3.31 22.25
C SER A 88 19.83 4.17 22.20
N GLU A 89 19.74 5.17 23.08
CA GLU A 89 18.59 6.08 23.11
C GLU A 89 18.60 7.03 21.88
N ALA A 90 19.69 7.04 21.07
CA ALA A 90 19.87 7.94 19.91
C ALA A 90 19.07 7.63 18.63
N GLY A 91 18.97 6.35 18.26
CA GLY A 91 18.31 5.96 17.02
C GLY A 91 16.81 6.00 17.00
N SER A 92 16.27 6.14 15.81
CA SER A 92 14.83 6.14 15.55
C SER A 92 14.47 4.69 15.18
N HIS A 93 13.37 4.18 15.77
CA HIS A 93 12.97 2.79 15.52
C HIS A 93 11.50 2.74 15.16
N ILE A 94 11.06 1.66 14.51
CA ILE A 94 9.70 1.57 14.06
C ILE A 94 9.10 0.21 14.45
N ILE A 95 7.87 0.24 15.02
CA ILE A 95 7.09 -0.98 15.21
C ILE A 95 5.94 -0.84 14.19
N GLN A 96 5.65 -1.93 13.48
CA GLN A 96 4.54 -1.97 12.53
C GLN A 96 3.69 -3.17 12.87
N ARG A 97 2.40 -3.03 12.66
CA ARG A 97 1.49 -4.13 12.94
C ARG A 97 0.45 -4.14 11.84
N MET A 98 0.09 -5.34 11.38
N MET A 98 0.08 -5.34 11.37
CA MET A 98 -0.98 -5.50 10.38
CA MET A 98 -0.99 -5.47 10.39
C MET A 98 -1.81 -6.67 10.79
C MET A 98 -1.82 -6.66 10.75
N TYR A 99 -3.13 -6.44 10.92
CA TYR A 99 -4.05 -7.50 11.33
C TYR A 99 -5.38 -7.42 10.66
N GLY A 100 -6.13 -8.52 10.67
CA GLY A 100 -7.45 -8.46 10.08
C GLY A 100 -7.94 -9.83 9.70
N CYS A 101 -9.05 -9.83 8.96
CA CYS A 101 -9.73 -11.04 8.58
C CYS A 101 -9.92 -11.14 7.08
N ASP A 102 -9.90 -12.39 6.55
CA ASP A 102 -10.18 -12.69 5.15
C ASP A 102 -11.45 -13.50 5.10
N LEU A 103 -12.37 -13.13 4.20
CA LEU A 103 -13.62 -13.85 3.93
C LEU A 103 -13.52 -14.50 2.55
N GLY A 104 -14.12 -15.67 2.39
CA GLY A 104 -14.20 -16.32 1.07
C GLY A 104 -15.36 -15.76 0.25
N PRO A 105 -15.64 -16.25 -0.99
CA PRO A 105 -16.76 -15.70 -1.78
C PRO A 105 -18.16 -15.88 -1.16
N ASP A 106 -18.27 -16.83 -0.23
CA ASP A 106 -19.46 -17.21 0.53
C ASP A 106 -19.68 -16.26 1.71
N GLY A 107 -18.69 -15.41 1.98
CA GLY A 107 -18.72 -14.49 3.12
C GLY A 107 -18.23 -15.11 4.42
N ARG A 108 -17.81 -16.41 4.41
CA ARG A 108 -17.31 -17.08 5.62
C ARG A 108 -15.82 -16.71 5.88
N LEU A 109 -15.41 -16.73 7.17
CA LEU A 109 -14.00 -16.48 7.56
C LEU A 109 -13.08 -17.56 6.95
N LEU A 110 -12.11 -17.14 6.13
CA LEU A 110 -11.12 -18.02 5.53
C LEU A 110 -9.99 -18.15 6.53
N ARG A 111 -9.46 -16.99 7.02
CA ARG A 111 -8.38 -16.96 8.01
C ARG A 111 -8.23 -15.58 8.63
N GLY A 112 -7.57 -15.55 9.77
CA GLY A 112 -7.28 -14.32 10.50
C GLY A 112 -5.78 -14.07 10.48
N HIS A 113 -5.38 -12.83 10.73
CA HIS A 113 -3.98 -12.46 10.69
C HIS A 113 -3.70 -11.44 11.77
N ASP A 114 -2.49 -11.52 12.33
N ASP A 114 -2.47 -11.52 12.35
CA ASP A 114 -1.93 -10.52 13.22
CA ASP A 114 -1.93 -10.54 13.31
C ASP A 114 -0.43 -10.69 13.20
C ASP A 114 -0.40 -10.61 13.37
N GLN A 115 0.27 -9.70 12.64
CA GLN A 115 1.73 -9.69 12.52
C GLN A 115 2.29 -8.41 12.96
N SER A 116 3.43 -8.48 13.63
CA SER A 116 4.18 -7.29 14.05
C SER A 116 5.65 -7.40 13.61
N ALA A 117 6.23 -6.26 13.33
CA ALA A 117 7.60 -6.13 12.91
C ALA A 117 8.30 -5.03 13.66
N TYR A 118 9.61 -5.14 13.76
CA TYR A 118 10.45 -4.14 14.38
C TYR A 118 11.54 -3.79 13.39
N ASP A 119 11.64 -2.51 13.05
CA ASP A 119 12.58 -2.00 12.04
C ASP A 119 12.52 -2.79 10.70
N GLY A 120 11.30 -3.15 10.30
CA GLY A 120 11.01 -3.80 9.03
C GLY A 120 11.28 -5.28 8.98
N LYS A 121 11.61 -5.89 10.14
CA LYS A 121 11.87 -7.33 10.28
C LYS A 121 10.78 -7.98 11.07
N ASP A 122 10.31 -9.17 10.65
CA ASP A 122 9.30 -9.93 11.41
C ASP A 122 9.72 -10.06 12.88
N TYR A 123 8.79 -9.76 13.80
CA TYR A 123 9.06 -9.77 15.22
C TYR A 123 8.19 -10.83 15.90
N ILE A 124 6.86 -10.67 15.87
CA ILE A 124 5.95 -11.65 16.45
C ILE A 124 4.71 -11.74 15.59
N ALA A 125 4.21 -12.97 15.36
CA ALA A 125 2.99 -13.11 14.57
C ALA A 125 2.11 -14.18 15.15
N LEU A 126 0.80 -13.95 15.09
CA LEU A 126 -0.20 -14.94 15.48
C LEU A 126 -0.22 -16.03 14.42
N ASN A 127 -0.12 -17.29 14.87
CA ASN A 127 -0.20 -18.42 13.96
C ASN A 127 -1.62 -18.53 13.35
N GLU A 128 -1.74 -19.23 12.24
CA GLU A 128 -3.02 -19.45 11.55
C GLU A 128 -4.07 -20.11 12.47
N ASP A 129 -3.62 -20.87 13.51
CA ASP A 129 -4.54 -21.46 14.48
C ASP A 129 -5.21 -20.43 15.40
N LEU A 130 -4.76 -19.13 15.38
CA LEU A 130 -5.30 -18.05 16.21
C LEU A 130 -5.19 -18.38 17.71
N SER A 131 -4.26 -19.26 18.07
CA SER A 131 -4.05 -19.75 19.42
C SER A 131 -2.62 -19.63 19.94
N SER A 132 -1.65 -19.61 19.04
CA SER A 132 -0.25 -19.58 19.43
C SER A 132 0.54 -18.53 18.64
N TRP A 133 1.70 -18.18 19.15
CA TRP A 133 2.58 -17.15 18.53
C TRP A 133 3.84 -17.73 17.94
N THR A 134 4.37 -17.04 16.90
CA THR A 134 5.66 -17.30 16.28
C THR A 134 6.55 -16.07 16.58
N ALA A 135 7.45 -16.21 17.58
CA ALA A 135 8.38 -15.15 18.00
C ALA A 135 9.67 -15.31 17.20
N ALA A 136 10.13 -14.22 16.56
CA ALA A 136 11.31 -14.28 15.69
C ALA A 136 12.65 -14.50 16.41
N ASP A 137 12.78 -14.07 17.68
CA ASP A 137 14.07 -14.15 18.42
C ASP A 137 13.83 -14.06 19.91
N THR A 138 14.93 -14.02 20.72
CA THR A 138 14.79 -13.98 22.18
C THR A 138 14.12 -12.71 22.68
N ALA A 139 14.24 -11.57 21.94
CA ALA A 139 13.54 -10.32 22.30
C ALA A 139 12.02 -10.57 22.14
N ALA A 140 11.61 -11.06 20.99
CA ALA A 140 10.18 -11.37 20.76
C ALA A 140 9.59 -12.41 21.77
N GLN A 141 10.45 -13.31 22.32
CA GLN A 141 9.98 -14.28 23.35
C GLN A 141 9.47 -13.58 24.62
N ILE A 142 10.03 -12.38 24.94
CA ILE A 142 9.59 -11.57 26.08
C ILE A 142 8.21 -11.07 25.81
N THR A 143 7.99 -10.49 24.61
CA THR A 143 6.66 -10.04 24.21
C THR A 143 5.70 -11.20 24.26
N GLN A 144 6.13 -12.36 23.77
CA GLN A 144 5.28 -13.56 23.74
C GLN A 144 4.79 -13.93 25.14
N ARG A 145 5.71 -13.97 26.12
CA ARG A 145 5.32 -14.25 27.51
C ARG A 145 4.35 -13.21 28.03
N LYS A 146 4.57 -11.93 27.71
CA LYS A 146 3.70 -10.88 28.15
C LYS A 146 2.29 -11.05 27.57
N TRP A 147 2.20 -11.34 26.27
CA TRP A 147 0.98 -11.52 25.50
C TRP A 147 0.18 -12.77 25.94
N GLU A 148 0.90 -13.80 26.37
CA GLU A 148 0.31 -15.04 26.92
C GLU A 148 -0.27 -14.77 28.32
N ALA A 149 0.45 -13.99 29.16
CA ALA A 149 -0.06 -13.62 30.48
C ALA A 149 -1.32 -12.74 30.41
N ALA A 150 -1.44 -11.87 29.37
CA ALA A 150 -2.60 -11.00 29.15
C ALA A 150 -3.71 -11.71 28.37
N ARG A 151 -3.47 -12.97 27.93
CA ARG A 151 -4.42 -13.78 27.13
C ARG A 151 -4.78 -13.04 25.80
N VAL A 152 -3.78 -12.41 25.16
CA VAL A 152 -4.01 -11.68 23.90
C VAL A 152 -4.58 -12.60 22.82
N ALA A 153 -3.96 -13.77 22.59
CA ALA A 153 -4.39 -14.67 21.50
C ALA A 153 -5.87 -15.05 21.58
N GLU A 154 -6.39 -15.36 22.79
CA GLU A 154 -7.80 -15.73 23.00
C GLU A 154 -8.73 -14.56 22.69
N GLN A 155 -8.33 -13.34 23.12
CA GLN A 155 -9.10 -12.13 22.88
C GLN A 155 -9.09 -11.78 21.37
N LEU A 156 -7.90 -11.87 20.74
CA LEU A 156 -7.72 -11.60 19.29
C LEU A 156 -8.52 -12.58 18.46
N ARG A 157 -8.51 -13.88 18.85
CA ARG A 157 -9.28 -14.91 18.14
C ARG A 157 -10.77 -14.58 18.16
N ALA A 158 -11.31 -14.19 19.35
CA ALA A 158 -12.71 -13.80 19.48
C ALA A 158 -13.00 -12.61 18.54
N TYR A 159 -12.07 -11.65 18.45
CA TYR A 159 -12.24 -10.49 17.58
C TYR A 159 -12.23 -10.91 16.10
N LEU A 160 -11.19 -11.66 15.68
CA LEU A 160 -11.00 -12.09 14.28
C LEU A 160 -12.15 -12.92 13.78
N GLU A 161 -12.71 -13.79 14.64
CA GLU A 161 -13.84 -14.67 14.28
C GLU A 161 -15.21 -14.02 14.50
N GLY A 162 -15.22 -12.97 15.29
CA GLY A 162 -16.44 -12.25 15.65
C GLY A 162 -16.59 -10.88 15.05
N LEU A 163 -16.26 -9.84 15.83
CA LEU A 163 -16.39 -8.44 15.43
C LEU A 163 -15.75 -8.08 14.08
N CYS A 164 -14.56 -8.62 13.79
CA CYS A 164 -13.84 -8.33 12.53
C CYS A 164 -14.64 -8.72 11.32
N VAL A 165 -15.17 -9.96 11.31
CA VAL A 165 -16.01 -10.48 10.22
C VAL A 165 -17.34 -9.70 10.14
N GLU A 166 -17.99 -9.46 11.30
CA GLU A 166 -19.26 -8.75 11.40
C GLU A 166 -19.17 -7.36 10.81
N TRP A 167 -18.13 -6.60 11.24
CA TRP A 167 -17.94 -5.23 10.76
C TRP A 167 -17.54 -5.22 9.30
N LEU A 168 -16.67 -6.18 8.87
CA LEU A 168 -16.33 -6.28 7.47
C LEU A 168 -17.59 -6.48 6.60
N ARG A 169 -18.46 -7.43 7.01
CA ARG A 169 -19.71 -7.67 6.28
C ARG A 169 -20.60 -6.39 6.25
N ARG A 170 -20.62 -5.63 7.35
CA ARG A 170 -21.40 -4.38 7.42
C ARG A 170 -20.83 -3.36 6.43
N TYR A 171 -19.51 -3.18 6.41
CA TYR A 171 -18.85 -2.26 5.47
C TYR A 171 -19.12 -2.68 4.04
N LEU A 172 -18.99 -3.99 3.74
CA LEU A 172 -19.24 -4.51 2.40
C LEU A 172 -20.66 -4.20 1.93
N GLU A 173 -21.65 -4.26 2.85
CA GLU A 173 -23.04 -3.90 2.51
C GLU A 173 -23.20 -2.39 2.30
N ASN A 174 -22.72 -1.58 3.26
CA ASN A 174 -22.81 -0.13 3.18
C ASN A 174 -22.06 0.45 1.98
N GLY A 175 -20.95 -0.16 1.58
CA GLY A 175 -20.20 0.31 0.41
C GLY A 175 -20.31 -0.60 -0.79
N LYS A 176 -21.41 -1.40 -0.87
CA LYS A 176 -21.58 -2.43 -1.92
C LYS A 176 -21.37 -1.89 -3.34
N GLU A 177 -21.80 -0.64 -3.60
CA GLU A 177 -21.70 -0.02 -4.93
C GLU A 177 -20.26 0.13 -5.42
N THR A 178 -19.29 0.28 -4.48
CA THR A 178 -17.87 0.40 -4.85
C THR A 178 -17.08 -0.87 -4.44
N LEU A 179 -17.20 -1.23 -3.17
CA LEU A 179 -16.42 -2.36 -2.62
C LEU A 179 -16.71 -3.69 -3.29
N GLN A 180 -17.96 -3.90 -3.75
CA GLN A 180 -18.33 -5.16 -4.37
C GLN A 180 -18.44 -5.04 -5.88
N ARG A 181 -17.83 -3.98 -6.44
CA ARG A 181 -17.82 -3.72 -7.87
C ARG A 181 -16.38 -3.85 -8.40
N ALA A 182 -16.14 -4.80 -9.30
CA ALA A 182 -14.80 -4.94 -9.85
C ALA A 182 -14.77 -4.20 -11.19
N ASP A 183 -13.86 -3.25 -11.34
CA ASP A 183 -13.70 -2.45 -12.56
C ASP A 183 -12.62 -3.10 -13.40
N PRO A 184 -13.01 -3.58 -14.59
CA PRO A 184 -12.01 -4.24 -15.45
C PRO A 184 -10.95 -3.29 -15.96
N PRO A 185 -9.76 -3.77 -16.33
CA PRO A 185 -8.76 -2.86 -16.92
C PRO A 185 -9.14 -2.49 -18.36
N LYS A 186 -8.82 -1.25 -18.73
CA LYS A 186 -8.90 -0.70 -20.10
C LYS A 186 -7.49 -0.98 -20.61
N THR A 187 -7.40 -1.73 -21.71
CA THR A 187 -6.10 -2.19 -22.20
C THR A 187 -5.75 -1.74 -23.61
N HIS A 188 -4.44 -1.62 -23.89
CA HIS A 188 -3.90 -1.32 -25.21
C HIS A 188 -2.43 -1.70 -25.29
N VAL A 189 -1.91 -1.83 -26.52
CA VAL A 189 -0.49 -2.15 -26.74
C VAL A 189 0.13 -1.00 -27.52
N THR A 190 1.26 -0.49 -27.02
CA THR A 190 2.03 0.57 -27.67
C THR A 190 3.32 -0.03 -28.20
N HIS A 191 3.90 0.61 -29.22
CA HIS A 191 5.11 0.14 -29.90
C HIS A 191 6.10 1.30 -29.91
N HIS A 192 7.32 1.06 -29.45
CA HIS A 192 8.35 2.13 -29.35
C HIS A 192 9.67 1.61 -29.93
N PRO A 193 10.08 2.01 -31.16
CA PRO A 193 11.38 1.54 -31.68
C PRO A 193 12.54 1.87 -30.76
N VAL A 194 13.45 0.91 -30.52
CA VAL A 194 14.62 1.11 -29.66
C VAL A 194 15.92 1.11 -30.47
N SER A 195 15.87 0.51 -31.66
CA SER A 195 16.98 0.41 -32.63
C SER A 195 16.36 0.16 -34.00
N ASP A 196 17.20 -0.03 -35.02
CA ASP A 196 16.71 -0.34 -36.36
C ASP A 196 16.04 -1.71 -36.41
N HIS A 197 16.56 -2.66 -35.61
CA HIS A 197 16.13 -4.06 -35.57
C HIS A 197 15.31 -4.47 -34.31
N GLU A 198 15.09 -3.56 -33.35
CA GLU A 198 14.32 -3.88 -32.14
C GLU A 198 13.33 -2.79 -31.76
N ALA A 199 12.20 -3.21 -31.15
CA ALA A 199 11.18 -2.28 -30.69
C ALA A 199 10.59 -2.82 -29.40
N THR A 200 10.12 -1.90 -28.53
CA THR A 200 9.46 -2.29 -27.28
C THR A 200 7.97 -2.38 -27.50
N LEU A 201 7.37 -3.50 -27.09
CA LEU A 201 5.93 -3.63 -27.08
C LEU A 201 5.53 -3.45 -25.60
N ARG A 202 4.67 -2.48 -25.32
CA ARG A 202 4.23 -2.23 -23.95
C ARG A 202 2.75 -2.53 -23.84
N CYS A 203 2.39 -3.42 -22.93
CA CYS A 203 1.01 -3.76 -22.70
C CYS A 203 0.49 -3.00 -21.47
N TRP A 204 -0.52 -2.17 -21.65
CA TRP A 204 -1.07 -1.33 -20.60
C TRP A 204 -2.38 -1.86 -20.04
N ALA A 205 -2.58 -1.68 -18.73
CA ALA A 205 -3.84 -2.00 -18.07
C ALA A 205 -4.13 -0.77 -17.16
N LEU A 206 -5.25 -0.07 -17.41
CA LEU A 206 -5.58 1.17 -16.70
C LEU A 206 -7.00 1.11 -16.14
N GLY A 207 -7.24 1.84 -15.05
CA GLY A 207 -8.56 2.00 -14.46
C GLY A 207 -9.18 0.78 -13.83
N PHE A 208 -8.37 -0.19 -13.37
CA PHE A 208 -8.92 -1.39 -12.78
C PHE A 208 -9.00 -1.36 -11.24
N TYR A 209 -9.91 -2.15 -10.71
CA TYR A 209 -10.14 -2.32 -9.27
C TYR A 209 -10.73 -3.71 -9.07
N PRO A 210 -10.25 -4.53 -8.11
CA PRO A 210 -9.14 -4.27 -7.18
C PRO A 210 -7.76 -4.32 -7.86
N ALA A 211 -6.68 -4.07 -7.08
CA ALA A 211 -5.32 -3.99 -7.62
C ALA A 211 -4.78 -5.29 -8.18
N GLU A 212 -5.27 -6.44 -7.69
CA GLU A 212 -4.82 -7.77 -8.16
C GLU A 212 -5.10 -7.93 -9.65
N ILE A 213 -4.05 -8.24 -10.43
CA ILE A 213 -4.10 -8.44 -11.89
C ILE A 213 -2.88 -9.28 -12.30
N THR A 214 -3.01 -9.97 -13.42
CA THR A 214 -1.87 -10.69 -14.01
C THR A 214 -1.70 -10.17 -15.45
N LEU A 215 -0.51 -9.66 -15.79
CA LEU A 215 -0.16 -9.15 -17.12
C LEU A 215 1.05 -9.93 -17.56
N THR A 216 0.93 -10.68 -18.65
CA THR A 216 2.09 -11.45 -19.13
C THR A 216 2.26 -11.28 -20.66
N TRP A 217 3.47 -11.48 -21.17
CA TRP A 217 3.78 -11.51 -22.60
C TRP A 217 4.18 -12.94 -22.94
N GLN A 218 3.70 -13.41 -24.07
CA GLN A 218 4.05 -14.72 -24.60
C GLN A 218 4.58 -14.50 -26.01
N ARG A 219 5.60 -15.27 -26.40
CA ARG A 219 6.15 -15.27 -27.76
C ARG A 219 5.88 -16.69 -28.25
N ASP A 220 5.10 -16.84 -29.34
CA ASP A 220 4.69 -18.14 -29.90
C ASP A 220 4.00 -19.04 -28.81
N GLY A 221 3.20 -18.42 -27.93
CA GLY A 221 2.49 -19.13 -26.87
C GLY A 221 3.28 -19.52 -25.63
N GLU A 222 4.58 -19.15 -25.55
CA GLU A 222 5.40 -19.45 -24.36
C GLU A 222 5.72 -18.19 -23.55
N ASP A 223 5.52 -18.26 -22.22
CA ASP A 223 5.78 -17.16 -21.28
C ASP A 223 7.19 -16.56 -21.41
N GLN A 224 7.25 -15.22 -21.47
CA GLN A 224 8.49 -14.46 -21.58
C GLN A 224 8.86 -13.81 -20.23
N THR A 225 8.72 -14.56 -19.10
CA THR A 225 8.96 -14.09 -17.72
C THR A 225 10.27 -13.32 -17.54
N GLN A 226 11.42 -13.94 -17.92
CA GLN A 226 12.74 -13.32 -17.78
C GLN A 226 12.96 -12.07 -18.65
N ASP A 227 12.27 -12.00 -19.78
CA ASP A 227 12.39 -10.92 -20.77
C ASP A 227 11.37 -9.79 -20.56
N THR A 228 10.38 -10.00 -19.68
CA THR A 228 9.36 -8.99 -19.43
C THR A 228 9.77 -7.99 -18.35
N GLU A 229 9.65 -6.69 -18.65
CA GLU A 229 9.85 -5.61 -17.69
C GLU A 229 8.41 -5.32 -17.16
N LEU A 230 8.17 -5.62 -15.88
CA LEU A 230 6.86 -5.52 -15.24
C LEU A 230 6.92 -4.43 -14.15
N VAL A 231 6.24 -3.28 -14.34
CA VAL A 231 6.24 -2.24 -13.29
C VAL A 231 5.32 -2.61 -12.15
N GLU A 232 5.61 -2.10 -10.93
CA GLU A 232 4.73 -2.36 -9.80
C GLU A 232 3.36 -1.73 -10.07
N THR A 233 2.28 -2.43 -9.69
CA THR A 233 0.91 -1.93 -9.79
C THR A 233 0.89 -0.61 -9.02
N ARG A 234 0.31 0.42 -9.62
CA ARG A 234 0.33 1.77 -9.05
C ARG A 234 -1.05 2.41 -8.95
N PRO A 235 -1.29 3.24 -7.92
CA PRO A 235 -2.62 3.85 -7.75
C PRO A 235 -2.83 5.05 -8.68
N ALA A 236 -4.00 5.14 -9.31
CA ALA A 236 -4.29 6.28 -10.16
C ALA A 236 -4.68 7.53 -9.34
N GLY A 237 -5.10 7.30 -8.10
CA GLY A 237 -5.49 8.36 -7.17
C GLY A 237 -7.00 8.56 -7.05
N ASP A 238 -7.78 7.83 -7.90
CA ASP A 238 -9.26 7.86 -7.98
C ASP A 238 -9.89 6.50 -7.56
N ARG A 239 -9.16 5.68 -6.79
CA ARG A 239 -9.52 4.32 -6.34
C ARG A 239 -8.94 3.24 -7.29
N THR A 240 -8.74 3.57 -8.57
CA THR A 240 -8.27 2.57 -9.55
C THR A 240 -6.76 2.41 -9.57
N PHE A 241 -6.31 1.38 -10.30
CA PHE A 241 -4.92 1.04 -10.40
C PHE A 241 -4.50 0.96 -11.85
N GLN A 242 -3.18 0.98 -12.05
CA GLN A 242 -2.52 0.93 -13.36
C GLN A 242 -1.37 -0.04 -13.33
N LYS A 243 -1.08 -0.67 -14.45
CA LYS A 243 0.10 -1.52 -14.57
C LYS A 243 0.45 -1.61 -16.05
N TRP A 244 1.73 -1.87 -16.33
CA TRP A 244 2.19 -2.20 -17.67
C TRP A 244 3.27 -3.31 -17.65
N ALA A 245 3.38 -4.05 -18.78
CA ALA A 245 4.41 -5.09 -18.96
C ALA A 245 5.04 -4.78 -20.33
N ALA A 246 6.38 -4.81 -20.42
CA ALA A 246 7.05 -4.55 -21.71
C ALA A 246 8.06 -5.62 -22.13
N VAL A 247 8.13 -5.89 -23.45
CA VAL A 247 9.10 -6.80 -24.05
C VAL A 247 9.83 -6.12 -25.20
N VAL A 248 11.15 -6.38 -25.33
CA VAL A 248 11.94 -5.85 -26.45
C VAL A 248 11.94 -6.95 -27.50
N VAL A 249 11.28 -6.67 -28.63
CA VAL A 249 11.06 -7.63 -29.71
C VAL A 249 11.90 -7.30 -30.97
N PRO A 250 12.32 -8.31 -31.75
CA PRO A 250 13.00 -8.00 -33.03
C PRO A 250 11.96 -7.46 -34.02
N SER A 251 12.28 -6.37 -34.73
CA SER A 251 11.36 -5.75 -35.69
C SER A 251 10.97 -6.73 -36.77
N GLY A 252 9.69 -6.77 -37.07
CA GLY A 252 9.07 -7.72 -37.98
C GLY A 252 8.52 -8.93 -37.23
N GLU A 253 9.01 -9.20 -35.99
CA GLU A 253 8.57 -10.35 -35.19
C GLU A 253 7.43 -10.02 -34.18
N GLU A 254 6.86 -8.79 -34.24
CA GLU A 254 5.79 -8.29 -33.37
C GLU A 254 4.55 -9.20 -33.24
N GLN A 255 4.07 -9.76 -34.35
CA GLN A 255 2.86 -10.57 -34.36
C GLN A 255 3.02 -11.94 -33.69
N ARG A 256 4.25 -12.33 -33.35
CA ARG A 256 4.53 -13.58 -32.63
C ARG A 256 4.29 -13.34 -31.11
N TYR A 257 4.04 -12.08 -30.70
CA TYR A 257 3.87 -11.68 -29.30
C TYR A 257 2.44 -11.39 -28.92
N THR A 258 2.01 -11.92 -27.77
CA THR A 258 0.65 -11.67 -27.28
C THR A 258 0.70 -11.32 -25.81
N CYS A 259 -0.06 -10.32 -25.45
CA CYS A 259 -0.19 -9.90 -24.08
C CYS A 259 -1.46 -10.52 -23.50
N HIS A 260 -1.34 -11.11 -22.31
CA HIS A 260 -2.46 -11.78 -21.64
C HIS A 260 -2.81 -11.06 -20.36
N VAL A 261 -4.09 -10.76 -20.19
CA VAL A 261 -4.60 -10.00 -19.05
C VAL A 261 -5.68 -10.79 -18.31
N GLN A 262 -5.47 -11.00 -17.00
CA GLN A 262 -6.45 -11.64 -16.09
C GLN A 262 -6.81 -10.66 -14.97
N HIS A 263 -8.10 -10.43 -14.78
CA HIS A 263 -8.64 -9.55 -13.75
C HIS A 263 -10.08 -9.95 -13.45
N GLU A 264 -10.50 -9.77 -12.19
CA GLU A 264 -11.86 -10.08 -11.72
C GLU A 264 -12.98 -9.32 -12.48
N GLY A 265 -12.74 -8.05 -12.87
CA GLY A 265 -13.73 -7.25 -13.56
C GLY A 265 -14.02 -7.62 -15.01
N LEU A 266 -13.19 -8.50 -15.59
CA LEU A 266 -13.33 -8.90 -17.00
C LEU A 266 -14.30 -10.08 -17.15
N PRO A 267 -15.28 -9.97 -18.09
CA PRO A 267 -16.18 -11.12 -18.36
C PRO A 267 -15.38 -12.38 -18.70
N LYS A 268 -14.33 -12.22 -19.55
CA LYS A 268 -13.40 -13.28 -19.95
C LYS A 268 -11.97 -12.72 -20.12
N PRO A 269 -10.90 -13.50 -19.80
CA PRO A 269 -9.53 -12.98 -20.00
C PRO A 269 -9.25 -12.41 -21.39
N LEU A 270 -8.32 -11.45 -21.44
CA LEU A 270 -7.97 -10.80 -22.70
C LEU A 270 -6.65 -11.32 -23.28
N THR A 271 -6.60 -11.34 -24.61
CA THR A 271 -5.42 -11.66 -25.41
C THR A 271 -5.33 -10.44 -26.33
N LEU A 272 -4.19 -9.76 -26.30
CA LEU A 272 -3.97 -8.54 -27.09
C LEU A 272 -2.69 -8.69 -27.86
N ARG A 273 -2.61 -7.98 -28.97
CA ARG A 273 -1.39 -7.87 -29.76
C ARG A 273 -1.32 -6.42 -30.27
N TRP A 274 -0.12 -6.01 -30.71
CA TRP A 274 0.08 -4.69 -31.27
C TRP A 274 -0.73 -4.62 -32.55
N GLU A 275 -1.51 -3.55 -32.68
CA GLU A 275 -2.40 -3.31 -33.82
C GLU A 275 -1.85 -2.09 -34.58
N PRO A 276 -0.92 -2.32 -35.53
CA PRO A 276 -0.37 -1.17 -36.28
C PRO A 276 -1.44 -0.44 -37.10
N MET B 1 21.51 -1.63 10.50
CA MET B 1 20.07 -1.76 10.33
C MET B 1 19.72 -1.93 8.87
N ILE B 2 18.68 -2.70 8.57
CA ILE B 2 18.29 -2.95 7.18
C ILE B 2 17.39 -1.83 6.68
N GLN B 3 17.84 -1.14 5.62
CA GLN B 3 17.14 -0.01 5.03
C GLN B 3 16.87 -0.30 3.56
N ARG B 4 15.73 0.15 3.04
CA ARG B 4 15.31 -0.10 1.66
C ARG B 4 15.07 1.20 0.93
N THR B 5 15.67 1.33 -0.24
CA THR B 5 15.58 2.53 -1.04
C THR B 5 14.22 2.60 -1.76
N PRO B 6 13.66 3.80 -1.99
CA PRO B 6 12.34 3.85 -2.66
C PRO B 6 12.38 3.54 -4.14
N LYS B 7 11.32 2.89 -4.59
CA LYS B 7 11.02 2.72 -6.00
C LYS B 7 10.22 3.99 -6.28
N ILE B 8 10.34 4.58 -7.47
CA ILE B 8 9.66 5.82 -7.83
C ILE B 8 9.01 5.68 -9.20
N GLN B 9 7.73 6.04 -9.31
CA GLN B 9 7.03 6.10 -10.60
C GLN B 9 6.34 7.43 -10.74
N VAL B 10 6.51 8.08 -11.89
CA VAL B 10 5.89 9.38 -12.18
C VAL B 10 4.98 9.20 -13.39
N TYR B 11 3.72 9.54 -13.25
CA TYR B 11 2.73 9.22 -14.29
C TYR B 11 1.48 10.03 -14.08
N SER B 12 0.58 10.05 -15.07
CA SER B 12 -0.66 10.80 -14.95
C SER B 12 -1.84 9.89 -14.57
N ARG B 13 -2.87 10.46 -13.91
CA ARG B 13 -4.05 9.68 -13.52
C ARG B 13 -4.78 9.17 -14.77
N HIS B 14 -5.02 10.07 -15.73
CA HIS B 14 -5.71 9.78 -16.99
C HIS B 14 -4.70 9.84 -18.16
N PRO B 15 -4.96 9.17 -19.32
CA PRO B 15 -4.00 9.28 -20.44
C PRO B 15 -3.73 10.76 -20.78
N ALA B 16 -2.45 11.12 -20.94
CA ALA B 16 -2.06 12.51 -21.20
C ALA B 16 -2.50 13.03 -22.56
N GLU B 17 -3.18 14.17 -22.55
CA GLU B 17 -3.66 14.92 -23.72
C GLU B 17 -3.27 16.38 -23.47
N ASN B 18 -2.36 16.93 -24.30
CA ASN B 18 -1.87 18.31 -24.19
C ASN B 18 -3.00 19.30 -24.15
N GLY B 19 -2.93 20.21 -23.18
CA GLY B 19 -3.95 21.22 -22.96
C GLY B 19 -5.16 20.75 -22.18
N LYS B 20 -5.20 19.47 -21.76
CA LYS B 20 -6.34 18.95 -20.97
C LYS B 20 -5.92 18.66 -19.51
N SER B 21 -6.67 19.24 -18.53
CA SER B 21 -6.43 19.09 -17.07
C SER B 21 -6.36 17.61 -16.71
N ASN B 22 -5.44 17.26 -15.81
CA ASN B 22 -5.21 15.88 -15.42
C ASN B 22 -4.59 15.92 -13.99
N PHE B 23 -4.07 14.79 -13.53
CA PHE B 23 -3.39 14.73 -12.22
C PHE B 23 -2.04 14.13 -12.45
N LEU B 24 -1.00 14.75 -11.86
CA LEU B 24 0.39 14.31 -11.94
C LEU B 24 0.64 13.55 -10.65
N ASN B 25 1.10 12.31 -10.78
CA ASN B 25 1.31 11.42 -9.64
C ASN B 25 2.77 11.08 -9.49
N CYS B 26 3.21 10.95 -8.25
CA CYS B 26 4.51 10.43 -7.92
C CYS B 26 4.29 9.40 -6.86
N TYR B 27 4.43 8.14 -7.25
CA TYR B 27 4.24 7.00 -6.37
C TYR B 27 5.59 6.50 -5.88
N VAL B 28 5.80 6.58 -4.56
CA VAL B 28 7.03 6.07 -3.93
C VAL B 28 6.66 4.86 -3.11
N SER B 29 7.39 3.76 -3.28
CA SER B 29 7.07 2.50 -2.60
C SER B 29 8.32 1.66 -2.33
N GLY B 30 8.15 0.57 -1.56
CA GLY B 30 9.24 -0.33 -1.23
C GLY B 30 10.33 0.23 -0.34
N PHE B 31 10.06 1.37 0.35
CA PHE B 31 11.10 1.98 1.17
C PHE B 31 10.96 1.72 2.67
N HIS B 32 12.09 1.81 3.39
CA HIS B 32 12.14 1.62 4.83
C HIS B 32 13.45 2.27 5.31
N PRO B 33 13.43 3.17 6.31
CA PRO B 33 12.30 3.59 7.17
C PRO B 33 11.33 4.55 6.45
N SER B 34 10.29 5.00 7.15
CA SER B 34 9.18 5.72 6.55
C SER B 34 9.42 7.19 6.19
N ASP B 35 10.36 7.88 6.85
CA ASP B 35 10.57 9.29 6.52
C ASP B 35 11.06 9.41 5.07
N ILE B 36 10.47 10.35 4.33
CA ILE B 36 10.78 10.55 2.93
C ILE B 36 10.35 11.96 2.54
N GLU B 37 11.11 12.58 1.63
CA GLU B 37 10.72 13.89 1.14
C GLU B 37 10.46 13.81 -0.35
N VAL B 38 9.29 14.25 -0.74
CA VAL B 38 8.85 14.16 -2.12
C VAL B 38 8.33 15.50 -2.57
N ASP B 39 8.83 15.95 -3.72
CA ASP B 39 8.32 17.15 -4.37
C ASP B 39 8.02 16.84 -5.84
N LEU B 40 6.99 17.47 -6.37
CA LEU B 40 6.62 17.41 -7.79
C LEU B 40 7.20 18.71 -8.36
N LEU B 41 7.90 18.61 -9.50
CA LEU B 41 8.56 19.76 -10.13
C LEU B 41 7.93 20.09 -11.47
N LYS B 42 7.91 21.37 -11.80
CA LYS B 42 7.46 21.88 -13.10
C LYS B 42 8.61 22.78 -13.57
N ASN B 43 9.31 22.35 -14.64
CA ASN B 43 10.48 23.05 -15.22
C ASN B 43 11.55 23.30 -14.14
N GLY B 44 11.75 22.27 -13.32
CA GLY B 44 12.72 22.28 -12.23
C GLY B 44 12.29 22.97 -10.94
N GLU B 45 11.10 23.61 -10.91
CA GLU B 45 10.58 24.35 -9.75
C GLU B 45 9.54 23.55 -8.96
N ARG B 46 9.67 23.56 -7.61
CA ARG B 46 8.76 22.86 -6.71
C ARG B 46 7.34 23.43 -6.80
N ILE B 47 6.36 22.56 -7.07
CA ILE B 47 4.93 22.89 -7.13
C ILE B 47 4.38 22.94 -5.69
N GLU B 48 3.52 23.95 -5.39
CA GLU B 48 2.86 24.12 -4.08
C GLU B 48 1.50 23.40 -4.07
N LYS B 49 0.93 23.18 -2.87
CA LYS B 49 -0.39 22.57 -2.65
C LYS B 49 -0.46 21.07 -3.05
N VAL B 50 0.70 20.39 -3.22
CA VAL B 50 0.77 18.95 -3.54
C VAL B 50 0.18 18.19 -2.33
N GLU B 51 -0.71 17.23 -2.60
CA GLU B 51 -1.37 16.43 -1.57
C GLU B 51 -0.72 15.05 -1.54
N HIS B 52 -1.00 14.27 -0.48
CA HIS B 52 -0.43 12.92 -0.40
C HIS B 52 -1.31 11.98 0.36
N SER B 53 -1.20 10.67 0.09
CA SER B 53 -1.98 9.65 0.81
C SER B 53 -1.44 9.47 2.25
N ASP B 54 -2.23 8.79 3.11
CA ASP B 54 -1.83 8.48 4.48
C ASP B 54 -0.85 7.32 4.44
N LEU B 55 0.17 7.38 5.30
CA LEU B 55 1.19 6.34 5.38
C LEU B 55 0.61 4.96 5.61
N SER B 56 1.00 4.03 4.72
CA SER B 56 0.64 2.62 4.84
C SER B 56 1.81 1.79 4.32
N PHE B 57 1.70 0.47 4.43
CA PHE B 57 2.77 -0.39 4.01
C PHE B 57 2.22 -1.68 3.44
N SER B 58 3.09 -2.33 2.70
CA SER B 58 2.85 -3.58 1.98
C SER B 58 3.07 -4.81 2.85
N LYS B 59 2.73 -6.00 2.30
CA LYS B 59 2.92 -7.25 3.06
C LYS B 59 4.38 -7.51 3.48
N ASP B 60 5.38 -6.95 2.75
CA ASP B 60 6.78 -7.11 3.06
C ASP B 60 7.28 -6.00 4.03
N TRP B 61 6.33 -5.22 4.64
CA TRP B 61 6.61 -4.13 5.61
C TRP B 61 7.08 -2.85 4.99
N SER B 62 7.34 -2.82 3.65
CA SER B 62 7.83 -1.58 3.07
C SER B 62 6.71 -0.56 2.91
N PHE B 63 7.03 0.71 3.13
CA PHE B 63 6.06 1.78 3.06
C PHE B 63 5.79 2.23 1.62
N TYR B 64 4.63 2.89 1.41
CA TYR B 64 4.28 3.50 0.12
C TYR B 64 3.41 4.72 0.35
N LEU B 65 3.56 5.70 -0.53
CA LEU B 65 2.80 6.96 -0.50
C LEU B 65 2.60 7.42 -1.95
N LEU B 66 1.46 8.03 -2.18
CA LEU B 66 1.12 8.67 -3.44
C LEU B 66 1.09 10.20 -3.21
N TYR B 67 1.91 10.93 -3.97
CA TYR B 67 1.91 12.41 -3.97
C TYR B 67 1.25 12.79 -5.28
N TYR B 68 0.37 13.79 -5.25
CA TYR B 68 -0.37 14.19 -6.46
C TYR B 68 -0.76 15.64 -6.50
N THR B 69 -0.92 16.15 -7.72
CA THR B 69 -1.41 17.52 -7.92
C THR B 69 -2.10 17.61 -9.28
N GLU B 70 -3.05 18.55 -9.39
CA GLU B 70 -3.70 18.86 -10.66
C GLU B 70 -2.64 19.53 -11.58
N PHE B 71 -2.62 19.16 -12.87
CA PHE B 71 -1.71 19.75 -13.85
C PHE B 71 -2.31 19.68 -15.24
N THR B 72 -1.87 20.58 -16.13
CA THR B 72 -2.32 20.56 -17.51
C THR B 72 -1.08 20.32 -18.33
N PRO B 73 -0.89 19.07 -18.85
CA PRO B 73 0.32 18.80 -19.64
C PRO B 73 0.35 19.59 -20.94
N THR B 74 1.56 19.88 -21.40
CA THR B 74 1.81 20.62 -22.65
C THR B 74 2.95 19.89 -23.35
N GLU B 75 3.25 20.30 -24.58
CA GLU B 75 4.36 19.72 -25.34
C GLU B 75 5.71 20.17 -24.74
N LYS B 76 5.79 21.43 -24.26
CA LYS B 76 7.04 22.00 -23.77
C LYS B 76 7.31 21.88 -22.25
N ASP B 77 6.28 22.00 -21.37
CA ASP B 77 6.53 21.91 -19.91
C ASP B 77 7.05 20.54 -19.49
N GLU B 78 8.13 20.54 -18.69
CA GLU B 78 8.77 19.33 -18.19
C GLU B 78 8.33 19.11 -16.75
N TYR B 79 7.87 17.88 -16.43
CA TYR B 79 7.44 17.54 -15.08
C TYR B 79 8.33 16.47 -14.51
N ALA B 80 8.51 16.49 -13.19
CA ALA B 80 9.37 15.50 -12.54
C ALA B 80 8.99 15.32 -11.08
N CYS B 81 9.60 14.33 -10.46
CA CYS B 81 9.45 14.03 -9.04
C CYS B 81 10.82 13.98 -8.43
N ARG B 82 11.01 14.73 -7.36
CA ARG B 82 12.28 14.76 -6.62
C ARG B 82 12.07 14.08 -5.28
N VAL B 83 12.85 13.03 -5.04
CA VAL B 83 12.78 12.23 -3.81
C VAL B 83 14.06 12.20 -3.04
N ASN B 84 13.99 12.39 -1.72
CA ASN B 84 15.15 12.14 -0.87
C ASN B 84 14.74 11.21 0.27
N HIS B 85 15.66 10.31 0.66
CA HIS B 85 15.46 9.29 1.66
C HIS B 85 16.82 9.05 2.29
N VAL B 86 16.86 8.47 3.49
CA VAL B 86 18.11 8.16 4.19
C VAL B 86 19.08 7.30 3.32
N THR B 87 18.51 6.42 2.47
CA THR B 87 19.25 5.53 1.57
C THR B 87 19.91 6.26 0.38
N LEU B 88 19.47 7.48 0.08
CA LEU B 88 19.97 8.28 -1.04
C LEU B 88 21.00 9.33 -0.61
N SER B 89 22.17 9.35 -1.28
CA SER B 89 23.27 10.32 -1.05
C SER B 89 22.80 11.73 -1.39
N GLN B 90 22.03 11.84 -2.47
CA GLN B 90 21.49 13.12 -2.92
C GLN B 90 20.05 12.89 -3.43
N PRO B 91 19.20 13.93 -3.54
CA PRO B 91 17.83 13.68 -4.04
C PRO B 91 17.84 13.07 -5.44
N LYS B 92 16.92 12.12 -5.70
CA LYS B 92 16.78 11.46 -6.99
C LYS B 92 15.65 12.15 -7.73
N ILE B 93 15.90 12.58 -8.98
CA ILE B 93 14.89 13.25 -9.80
C ILE B 93 14.49 12.27 -10.90
N VAL B 94 13.19 12.00 -11.02
CA VAL B 94 12.63 11.09 -12.03
C VAL B 94 11.70 11.93 -12.87
N LYS B 95 11.97 11.99 -14.17
CA LYS B 95 11.19 12.80 -15.10
C LYS B 95 9.91 12.09 -15.49
N TRP B 96 8.86 12.88 -15.71
CA TRP B 96 7.61 12.33 -16.21
C TRP B 96 7.76 12.02 -17.70
N ASP B 97 7.49 10.78 -18.07
CA ASP B 97 7.49 10.30 -19.46
C ASP B 97 6.10 9.70 -19.64
N ARG B 98 5.29 10.31 -20.52
CA ARG B 98 3.91 9.87 -20.77
C ARG B 98 3.78 8.47 -21.44
N ASP B 99 4.92 7.83 -21.78
CA ASP B 99 4.96 6.47 -22.34
C ASP B 99 5.35 5.47 -21.25
N MET B 100 5.42 5.94 -19.98
CA MET B 100 5.81 5.12 -18.83
C MET B 100 4.81 5.18 -17.65
N LEU C 1 -14.00 -2.15 12.14
CA LEU C 1 -13.78 -1.74 13.54
C LEU C 1 -12.47 -2.34 14.06
N PRO C 2 -11.55 -1.57 14.70
CA PRO C 2 -10.30 -2.18 15.16
C PRO C 2 -10.42 -3.04 16.40
N PHE C 3 -9.39 -3.85 16.69
CA PHE C 3 -9.32 -4.66 17.91
C PHE C 3 -9.17 -3.68 19.09
N ASP C 4 -9.86 -3.95 20.21
CA ASP C 4 -9.97 -2.99 21.33
C ASP C 4 -8.96 -3.17 22.46
N ILE C 5 -8.18 -4.26 22.45
CA ILE C 5 -7.22 -4.49 23.52
C ILE C 5 -5.83 -4.11 23.06
N ALA C 6 -5.23 -3.14 23.75
CA ALA C 6 -3.87 -2.71 23.46
C ALA C 6 -2.96 -3.28 24.57
N THR C 7 -2.00 -4.14 24.19
CA THR C 7 -1.11 -4.81 25.15
C THR C 7 0.35 -4.43 24.91
N ILE C 8 0.97 -3.84 25.93
CA ILE C 8 2.38 -3.43 25.88
C ILE C 8 3.26 -4.66 25.54
N MET C 9 4.19 -4.47 24.61
CA MET C 9 5.13 -5.50 24.16
C MET C 9 6.34 -5.65 25.11
#